data_4WNH
#
_entry.id   4WNH
#
_cell.length_a   89.481
_cell.length_b   89.481
_cell.length_c   42.895
_cell.angle_alpha   90.00
_cell.angle_beta   90.00
_cell.angle_gamma   120.00
#
_symmetry.space_group_name_H-M   'P 3'
#
loop_
_entity.id
_entity.type
_entity.pdbx_description
1 polymer 'Xyloside xylosyltransferase 1'
2 polymer 'Coagulation factor IX'
3 branched alpha-D-xylopyranose-(1-3)-beta-D-glucopyranose
4 non-polymer 'MANGANESE (II) ION'
5 non-polymer "URIDINE-5'-DIPHOSPHATE-XYLOPYRANOSE"
6 water water
#
loop_
_entity_poly.entity_id
_entity_poly.type
_entity_poly.pdbx_seq_one_letter_code
_entity_poly.pdbx_strand_id
1 'polypeptide(L)'
;SLEGGVVVPVDYHLLMMFTKAEHNAPLQAKARVALSSLLRLAKFEAHEVLNLHFVSEEASREVAKALLRELLPPAAGFKC
KVIFHDVAVLTDKLFPVVEAMQKYFSAGSGTYYSDSIFFLSVAMHQIMPKEIPRIIQLDLDLKYKTNIRELFEEFDNFLP
GAVIGIAREMQPVYRHTFWQFRHENPKTRVGDPPPEGLPGFNSGVMLLNLEAMRQSPLYSHLLEPSWVQQLADKYHFRGH
LGDQDFFTMIGMEHPELFHVLDCTWNRQLCTWWRDHGYSDVFQAYFRCEGHVKIYHGNCNTPIPED
;
A
2 'polypeptide(L)' MDIVDGDQCESNPCLNGGSCKDDINSYECWCPFGFEGKNCELLEHHHHHH D
#
loop_
_chem_comp.id
_chem_comp.type
_chem_comp.name
_chem_comp.formula
BGC D-saccharide, beta linking beta-D-glucopyranose 'C6 H12 O6'
MN non-polymer 'MANGANESE (II) ION' 'Mn 2'
UDX non-polymer URIDINE-5'-DIPHOSPHATE-XYLOPYRANOSE 'C14 H22 N2 O16 P2'
XYS D-saccharide, alpha linking alpha-D-xylopyranose 'C5 H10 O5'
#
# COMPACT_ATOMS: atom_id res chain seq x y z
N VAL A 8 -25.23 -17.17 -14.46
CA VAL A 8 -25.20 -15.73 -14.01
C VAL A 8 -23.75 -15.24 -13.78
N PRO A 9 -23.24 -14.35 -14.66
CA PRO A 9 -21.82 -14.00 -14.66
C PRO A 9 -21.34 -13.31 -13.37
N VAL A 10 -20.22 -13.77 -12.83
CA VAL A 10 -19.68 -13.25 -11.58
C VAL A 10 -18.34 -12.58 -11.86
N ASP A 11 -18.26 -11.28 -11.56
CA ASP A 11 -17.06 -10.50 -11.84
C ASP A 11 -16.09 -10.46 -10.65
N TYR A 12 -14.80 -10.62 -10.93
CA TYR A 12 -13.70 -10.36 -9.99
C TYR A 12 -12.86 -9.16 -10.44
N HIS A 13 -12.55 -8.24 -9.52
CA HIS A 13 -11.87 -6.99 -9.88
C HIS A 13 -10.52 -6.79 -9.17
N LEU A 14 -9.49 -6.56 -9.97
CA LEU A 14 -8.17 -6.17 -9.49
C LEU A 14 -7.85 -4.78 -10.00
N LEU A 15 -7.06 -3.99 -9.27
CA LEU A 15 -6.62 -2.67 -9.75
C LEU A 15 -5.13 -2.50 -9.51
N MET A 16 -4.44 -2.02 -10.54
CA MET A 16 -3.00 -1.77 -10.47
C MET A 16 -2.67 -0.40 -11.02
N MET A 17 -1.78 0.28 -10.30
CA MET A 17 -1.24 1.55 -10.72
C MET A 17 -0.15 1.30 -11.75
N PHE A 18 -0.20 1.97 -12.91
CA PHE A 18 0.81 1.79 -13.94
C PHE A 18 0.99 3.11 -14.68
N THR A 19 1.82 3.97 -14.10
CA THR A 19 2.02 5.33 -14.57
C THR A 19 3.51 5.58 -14.84
N LYS A 20 3.77 6.52 -15.73
CA LYS A 20 5.14 6.91 -16.09
C LYS A 20 5.97 5.71 -16.55
N ALA A 21 5.32 4.78 -17.25
CA ALA A 21 5.97 3.54 -17.63
C ALA A 21 6.77 3.62 -18.95
N GLU A 22 6.59 4.69 -19.74
CA GLU A 22 7.32 4.81 -21.01
C GLU A 22 8.79 5.14 -20.72
N HIS A 23 9.72 4.43 -21.36
CA HIS A 23 11.15 4.63 -21.06
C HIS A 23 11.50 4.38 -19.57
N ASN A 24 10.70 3.54 -18.91
CA ASN A 24 11.00 3.09 -17.56
C ASN A 24 11.06 1.57 -17.63
N ALA A 25 12.20 1.06 -18.09
CA ALA A 25 12.36 -0.37 -18.27
C ALA A 25 12.24 -1.17 -16.98
N PRO A 26 12.79 -0.67 -15.85
CA PRO A 26 12.65 -1.42 -14.61
C PRO A 26 11.17 -1.64 -14.24
N LEU A 27 10.35 -0.61 -14.38
CA LEU A 27 8.91 -0.75 -14.12
C LEU A 27 8.22 -1.72 -15.06
N GLN A 28 8.52 -1.65 -16.35
CA GLN A 28 7.94 -2.57 -17.31
C GLN A 28 8.33 -4.01 -17.01
N ALA A 29 9.56 -4.24 -16.61
CA ALA A 29 10.00 -5.60 -16.28
C ALA A 29 9.31 -6.12 -15.04
N LYS A 30 9.11 -5.26 -14.06
CA LYS A 30 8.34 -5.67 -12.87
C LYS A 30 6.92 -6.03 -13.24
N ALA A 31 6.30 -5.15 -14.01
CA ALA A 31 4.92 -5.37 -14.45
C ALA A 31 4.80 -6.71 -15.19
N ARG A 32 5.80 -7.01 -16.00
CA ARG A 32 5.88 -8.25 -16.74
C ARG A 32 5.91 -9.48 -15.83
N VAL A 33 6.74 -9.42 -14.78
CA VAL A 33 6.87 -10.51 -13.82
C VAL A 33 5.55 -10.70 -13.06
N ALA A 34 4.99 -9.59 -12.58
CA ALA A 34 3.73 -9.63 -11.86
C ALA A 34 2.60 -10.20 -12.71
N LEU A 35 2.38 -9.61 -13.89
CA LEU A 35 1.23 -10.00 -14.71
C LEU A 35 1.34 -11.40 -15.32
N SER A 36 2.55 -11.81 -15.73
CA SER A 36 2.72 -13.18 -16.24
C SER A 36 2.46 -14.24 -15.16
N SER A 37 3.00 -14.05 -13.96
CA SER A 37 2.79 -15.02 -12.86
C SER A 37 1.33 -15.03 -12.42
N LEU A 38 0.74 -13.84 -12.33
CA LEU A 38 -0.67 -13.72 -12.04
C LEU A 38 -1.52 -14.56 -13.01
N LEU A 39 -1.33 -14.32 -14.31
CA LEU A 39 -2.16 -14.95 -15.32
C LEU A 39 -1.84 -16.44 -15.51
N ARG A 40 -0.56 -16.80 -15.42
CA ARG A 40 -0.15 -18.20 -15.50
C ARG A 40 -0.85 -19.06 -14.43
N LEU A 41 -0.92 -18.55 -13.21
CA LEU A 41 -1.47 -19.34 -12.09
C LEU A 41 -2.94 -19.10 -11.78
N ALA A 42 -3.59 -18.17 -12.47
CA ALA A 42 -5.00 -17.89 -12.20
C ALA A 42 -5.92 -18.97 -12.75
N LYS A 43 -6.95 -19.30 -11.98
CA LYS A 43 -7.98 -20.25 -12.39
C LYS A 43 -9.34 -19.73 -11.92
N PHE A 44 -10.26 -19.58 -12.86
CA PHE A 44 -11.61 -19.13 -12.55
C PHE A 44 -12.64 -20.00 -13.26
N GLU A 45 -13.77 -20.24 -12.61
CA GLU A 45 -14.86 -21.03 -13.19
C GLU A 45 -15.42 -20.35 -14.46
N ALA A 46 -16.21 -21.11 -15.21
CA ALA A 46 -16.62 -20.73 -16.57
C ALA A 46 -17.39 -19.41 -16.66
N HIS A 47 -18.30 -19.21 -15.71
CA HIS A 47 -19.13 -18.01 -15.66
C HIS A 47 -18.43 -16.78 -15.05
N GLU A 48 -17.19 -16.94 -14.63
CA GLU A 48 -16.46 -15.87 -13.94
C GLU A 48 -15.59 -15.07 -14.89
N VAL A 49 -15.40 -13.80 -14.55
CA VAL A 49 -14.54 -12.93 -15.36
C VAL A 49 -13.64 -12.13 -14.43
N LEU A 50 -12.37 -12.06 -14.81
CA LEU A 50 -11.36 -11.33 -14.10
C LEU A 50 -11.19 -9.99 -14.79
N ASN A 51 -11.53 -8.93 -14.08
CA ASN A 51 -11.40 -7.59 -14.61
C ASN A 51 -10.12 -6.95 -14.11
N LEU A 52 -9.24 -6.60 -15.03
CA LEU A 52 -7.97 -5.96 -14.70
C LEU A 52 -8.07 -4.47 -14.98
N HIS A 53 -8.10 -3.69 -13.90
CA HIS A 53 -8.15 -2.24 -13.97
C HIS A 53 -6.74 -1.67 -13.86
N PHE A 54 -6.39 -0.77 -14.78
CA PHE A 54 -5.11 -0.11 -14.74
C PHE A 54 -5.29 1.39 -14.66
N VAL A 55 -4.60 2.02 -13.72
CA VAL A 55 -4.60 3.47 -13.62
C VAL A 55 -3.32 3.97 -14.29
N SER A 56 -3.50 4.68 -15.39
CA SER A 56 -2.42 5.00 -16.31
C SER A 56 -2.68 6.31 -17.04
N GLU A 57 -1.64 7.10 -17.31
CA GLU A 57 -1.75 8.14 -18.31
C GLU A 57 -1.63 7.52 -19.70
N GLU A 58 -1.85 8.30 -20.76
CA GLU A 58 -2.04 7.68 -22.07
C GLU A 58 -0.80 6.90 -22.56
N ALA A 59 0.41 7.40 -22.32
CA ALA A 59 1.60 6.65 -22.78
C ALA A 59 1.68 5.27 -22.10
N SER A 60 1.48 5.23 -20.79
CA SER A 60 1.54 3.96 -20.07
C SER A 60 0.41 3.04 -20.43
N ARG A 61 -0.75 3.57 -20.83
CA ARG A 61 -1.83 2.71 -21.31
C ARG A 61 -1.37 1.91 -22.52
N GLU A 62 -0.68 2.58 -23.44
CA GLU A 62 -0.18 1.93 -24.64
C GLU A 62 0.87 0.89 -24.31
N VAL A 63 1.77 1.22 -23.38
CA VAL A 63 2.77 0.24 -22.94
C VAL A 63 2.10 -0.99 -22.36
N ALA A 64 1.09 -0.76 -21.50
CA ALA A 64 0.39 -1.85 -20.85
C ALA A 64 -0.35 -2.73 -21.85
N LYS A 65 -0.91 -2.10 -22.88
CA LYS A 65 -1.65 -2.83 -23.92
C LYS A 65 -0.70 -3.76 -24.66
N ALA A 66 0.46 -3.27 -25.03
CA ALA A 66 1.45 -4.09 -25.72
C ALA A 66 1.89 -5.27 -24.85
N LEU A 67 2.11 -5.03 -23.56
CA LEU A 67 2.47 -6.13 -22.65
C LEU A 67 1.33 -7.17 -22.52
N LEU A 68 0.10 -6.68 -22.33
CA LEU A 68 -1.05 -7.52 -22.11
C LEU A 68 -1.38 -8.41 -23.31
N ARG A 69 -1.20 -7.92 -24.52
CA ARG A 69 -1.55 -8.73 -25.69
C ARG A 69 -0.64 -9.97 -25.79
N GLU A 70 0.61 -9.79 -25.41
CA GLU A 70 1.54 -10.90 -25.27
C GLU A 70 1.13 -11.94 -24.21
N LEU A 71 0.38 -11.54 -23.18
CA LEU A 71 0.01 -12.44 -22.07
C LEU A 71 -1.43 -12.96 -22.10
N LEU A 72 -2.26 -12.39 -22.97
CA LEU A 72 -3.66 -12.76 -23.08
C LEU A 72 -3.95 -13.35 -24.46
N PRO A 73 -4.93 -14.25 -24.55
CA PRO A 73 -5.74 -14.75 -23.44
C PRO A 73 -4.91 -15.68 -22.55
N PRO A 74 -5.34 -15.85 -21.29
CA PRO A 74 -4.57 -16.66 -20.35
C PRO A 74 -4.62 -18.15 -20.72
N ALA A 75 -3.52 -18.85 -20.43
CA ALA A 75 -3.43 -20.28 -20.66
C ALA A 75 -4.65 -21.02 -20.10
N ALA A 76 -5.09 -20.64 -18.90
CA ALA A 76 -6.23 -21.30 -18.27
C ALA A 76 -7.58 -21.06 -18.96
N GLY A 77 -7.60 -20.17 -19.96
CA GLY A 77 -8.77 -20.01 -20.84
C GLY A 77 -9.98 -19.28 -20.29
N PHE A 78 -9.89 -18.77 -19.07
CA PHE A 78 -11.00 -18.03 -18.44
C PHE A 78 -11.17 -16.65 -19.08
N LYS A 79 -12.33 -16.05 -18.86
CA LYS A 79 -12.63 -14.74 -19.44
C LYS A 79 -11.90 -13.64 -18.67
N CYS A 80 -11.24 -12.75 -19.39
CA CYS A 80 -10.53 -11.63 -18.78
C CYS A 80 -10.87 -10.33 -19.50
N LYS A 81 -11.22 -9.29 -18.74
CA LYS A 81 -11.49 -7.98 -19.32
C LYS A 81 -10.52 -6.91 -18.79
N VAL A 82 -9.93 -6.12 -19.69
CA VAL A 82 -9.02 -5.04 -19.30
C VAL A 82 -9.71 -3.68 -19.31
N ILE A 83 -9.50 -2.90 -18.24
CA ILE A 83 -10.07 -1.55 -18.13
C ILE A 83 -9.01 -0.51 -17.77
N PHE A 84 -8.99 0.61 -18.47
CA PHE A 84 -8.08 1.67 -18.11
C PHE A 84 -8.81 2.85 -17.50
N HIS A 85 -8.17 3.44 -16.48
CA HIS A 85 -8.66 4.62 -15.83
C HIS A 85 -7.60 5.71 -15.95
N ASP A 86 -8.03 6.89 -16.38
CA ASP A 86 -7.13 8.05 -16.54
C ASP A 86 -6.67 8.58 -15.18
N VAL A 87 -5.36 8.54 -14.95
CA VAL A 87 -4.79 9.10 -13.73
C VAL A 87 -5.19 10.57 -13.46
N ALA A 88 -5.29 11.37 -14.53
CA ALA A 88 -5.72 12.75 -14.45
C ALA A 88 -7.18 12.90 -13.99
N VAL A 89 -8.06 12.07 -14.51
CA VAL A 89 -9.47 12.09 -14.10
C VAL A 89 -9.65 11.67 -12.65
N LEU A 90 -8.96 10.60 -12.28
CA LEU A 90 -9.01 10.09 -10.92
C LEU A 90 -8.42 11.10 -9.96
N THR A 91 -7.33 11.74 -10.36
CA THR A 91 -6.70 12.75 -9.51
C THR A 91 -7.72 13.82 -9.12
N ASP A 92 -8.50 14.29 -10.10
CA ASP A 92 -9.45 15.38 -9.85
C ASP A 92 -10.61 14.92 -8.98
N LYS A 93 -11.11 13.71 -9.20
CA LYS A 93 -12.17 13.13 -8.33
C LYS A 93 -11.66 12.91 -6.90
N LEU A 94 -10.40 12.55 -6.75
CA LEU A 94 -9.85 12.28 -5.43
C LEU A 94 -9.59 13.53 -4.59
N PHE A 95 -9.14 14.58 -5.24
CA PHE A 95 -8.60 15.71 -4.54
C PHE A 95 -9.48 16.30 -3.44
N PRO A 96 -10.78 16.53 -3.69
CA PRO A 96 -11.62 17.06 -2.58
C PRO A 96 -11.60 16.20 -1.30
N VAL A 97 -11.63 14.88 -1.48
CA VAL A 97 -11.67 13.93 -0.37
C VAL A 97 -10.30 13.86 0.28
N VAL A 98 -9.27 13.91 -0.53
CA VAL A 98 -7.95 13.48 -0.13
C VAL A 98 -7.01 14.65 0.25
N GLU A 99 -7.37 15.88 -0.15
CA GLU A 99 -6.52 17.07 0.06
C GLU A 99 -5.94 17.22 1.47
N ALA A 100 -6.80 17.14 2.48
CA ALA A 100 -6.38 17.44 3.86
C ALA A 100 -5.38 16.45 4.43
N MET A 101 -5.39 15.21 3.94
CA MET A 101 -4.43 14.22 4.41
C MET A 101 -3.06 14.32 3.72
N GLN A 102 -3.02 14.91 2.53
CA GLN A 102 -1.79 14.97 1.76
C GLN A 102 -0.61 15.57 2.50
N LYS A 103 -0.86 16.63 3.25
CA LYS A 103 0.26 17.30 3.93
C LYS A 103 0.93 16.41 5.00
N TYR A 104 0.22 15.41 5.49
CA TYR A 104 0.77 14.50 6.49
C TYR A 104 1.50 13.29 5.90
N PHE A 105 1.08 12.83 4.73
CA PHE A 105 1.51 11.53 4.20
C PHE A 105 2.16 11.60 2.81
N SER A 106 2.49 12.80 2.34
CA SER A 106 3.09 12.95 1.03
C SER A 106 4.53 13.45 1.16
N ALA A 107 5.40 13.03 0.23
CA ALA A 107 6.72 13.63 0.06
C ALA A 107 6.59 15.01 -0.58
N GLY A 108 6.93 16.09 0.11
CA GLY A 108 7.10 16.17 1.56
C GLY A 108 6.02 17.13 2.06
N SER A 109 6.02 18.35 1.53
CA SER A 109 4.90 19.27 1.70
C SER A 109 4.93 20.39 0.65
N GLY A 110 3.79 21.03 0.37
CA GLY A 110 2.51 20.69 0.99
C GLY A 110 1.65 19.79 0.12
N THR A 111 0.65 20.38 -0.53
CA THR A 111 -0.45 19.66 -1.14
C THR A 111 -0.41 19.83 -2.65
N TYR A 112 0.15 18.84 -3.34
CA TYR A 112 0.34 18.84 -4.79
C TYR A 112 -0.55 17.81 -5.49
N TYR A 113 -1.07 18.16 -6.66
CA TYR A 113 -1.92 17.22 -7.41
C TYR A 113 -1.16 15.92 -7.68
N SER A 114 0.12 16.02 -7.98
CA SER A 114 0.95 14.86 -8.30
C SER A 114 0.97 13.80 -7.20
N ASP A 115 0.68 14.17 -5.96
CA ASP A 115 0.62 13.21 -4.84
C ASP A 115 -0.76 12.56 -4.61
N SER A 116 -1.81 13.17 -5.18
CA SER A 116 -3.18 12.78 -4.87
C SER A 116 -3.48 11.33 -5.25
N ILE A 117 -2.89 10.86 -6.33
CA ILE A 117 -3.17 9.50 -6.79
C ILE A 117 -2.66 8.43 -5.83
N PHE A 118 -1.67 8.75 -4.99
CA PHE A 118 -1.17 7.78 -4.01
C PHE A 118 -2.17 7.56 -2.86
N PHE A 119 -3.28 8.29 -2.85
CA PHE A 119 -4.33 8.09 -1.86
C PHE A 119 -5.57 7.43 -2.47
N LEU A 120 -5.45 6.90 -3.68
CA LEU A 120 -6.59 6.35 -4.38
C LEU A 120 -7.32 5.28 -3.58
N SER A 121 -6.61 4.40 -2.90
CA SER A 121 -7.27 3.32 -2.16
C SER A 121 -8.19 3.87 -1.10
N VAL A 122 -7.79 4.98 -0.47
CA VAL A 122 -8.54 5.48 0.69
C VAL A 122 -9.95 5.95 0.28
N ALA A 123 -10.07 6.43 -0.95
CA ALA A 123 -11.36 6.90 -1.46
C ALA A 123 -11.83 6.10 -2.68
N MET A 124 -11.39 4.85 -2.80
CA MET A 124 -11.75 4.00 -3.94
C MET A 124 -13.26 3.77 -4.07
N HIS A 125 -13.94 3.71 -2.93
CA HIS A 125 -15.39 3.52 -2.85
C HIS A 125 -16.19 4.70 -3.42
N GLN A 126 -15.55 5.86 -3.51
CA GLN A 126 -16.15 7.04 -4.12
C GLN A 126 -15.74 7.19 -5.59
N ILE A 127 -14.71 6.45 -6.02
CA ILE A 127 -14.18 6.57 -7.37
C ILE A 127 -14.78 5.49 -8.29
N MET A 128 -14.81 4.25 -7.84
CA MET A 128 -15.35 3.18 -8.65
C MET A 128 -16.88 3.26 -8.68
N PRO A 129 -17.49 2.85 -9.80
CA PRO A 129 -18.95 2.80 -9.85
C PRO A 129 -19.51 1.92 -8.77
N LYS A 130 -20.70 2.24 -8.31
CA LYS A 130 -21.36 1.47 -7.25
C LYS A 130 -21.57 0.00 -7.63
N GLU A 131 -21.56 -0.32 -8.91
CA GLU A 131 -21.72 -1.71 -9.34
C GLU A 131 -20.56 -2.59 -8.89
N ILE A 132 -19.40 -1.98 -8.63
CA ILE A 132 -18.25 -2.73 -8.11
C ILE A 132 -18.28 -2.76 -6.58
N PRO A 133 -18.59 -3.92 -5.99
CA PRO A 133 -18.69 -3.97 -4.56
C PRO A 133 -17.35 -4.19 -3.86
N ARG A 134 -16.38 -4.76 -4.56
CA ARG A 134 -15.11 -5.16 -3.95
C ARG A 134 -14.05 -5.07 -5.02
N ILE A 135 -12.84 -4.68 -4.62
CA ILE A 135 -11.71 -4.67 -5.53
C ILE A 135 -10.41 -4.95 -4.77
N ILE A 136 -9.45 -5.60 -5.43
CA ILE A 136 -8.16 -5.84 -4.81
C ILE A 136 -7.14 -4.95 -5.50
N GLN A 137 -6.51 -4.06 -4.74
CA GLN A 137 -5.49 -3.19 -5.33
C GLN A 137 -4.13 -3.84 -5.09
N LEU A 138 -3.32 -3.94 -6.15
CA LEU A 138 -2.05 -4.67 -6.12
C LEU A 138 -0.93 -3.85 -6.75
N ASP A 139 0.23 -3.83 -6.08
CA ASP A 139 1.45 -3.30 -6.68
C ASP A 139 1.86 -4.14 -7.88
N LEU A 140 2.77 -3.58 -8.69
CA LEU A 140 3.28 -4.30 -9.85
C LEU A 140 4.69 -4.90 -9.66
N ASP A 141 5.28 -4.65 -8.49
CA ASP A 141 6.56 -5.29 -8.12
C ASP A 141 6.31 -6.54 -7.28
N LEU A 142 5.31 -7.33 -7.68
CA LEU A 142 4.90 -8.55 -7.00
C LEU A 142 5.24 -9.77 -7.85
N LYS A 143 5.19 -10.94 -7.23
CA LYS A 143 5.25 -12.20 -7.97
C LYS A 143 4.28 -13.14 -7.29
N TYR A 144 3.32 -13.64 -8.06
CA TYR A 144 2.26 -14.48 -7.53
C TYR A 144 2.71 -15.94 -7.57
N LYS A 145 2.59 -16.62 -6.43
CA LYS A 145 2.90 -18.06 -6.30
C LYS A 145 1.64 -18.90 -6.08
N THR A 146 0.46 -18.34 -6.36
CA THR A 146 -0.79 -19.09 -6.23
C THR A 146 -1.90 -18.47 -7.10
N ASN A 147 -3.06 -19.11 -7.09
CA ASN A 147 -4.21 -18.62 -7.85
C ASN A 147 -4.85 -17.43 -7.13
N ILE A 148 -4.78 -16.26 -7.75
CA ILE A 148 -5.31 -15.03 -7.16
C ILE A 148 -6.77 -15.17 -6.75
N ARG A 149 -7.53 -16.06 -7.40
CA ARG A 149 -8.92 -16.32 -6.97
C ARG A 149 -9.03 -16.63 -5.47
N GLU A 150 -8.01 -17.29 -4.91
CA GLU A 150 -8.00 -17.65 -3.48
C GLU A 150 -7.92 -16.44 -2.54
N LEU A 151 -7.36 -15.32 -3.01
CA LEU A 151 -7.31 -14.16 -2.17
C LEU A 151 -8.71 -13.60 -1.90
N PHE A 152 -9.63 -13.78 -2.85
CA PHE A 152 -10.99 -13.26 -2.70
C PHE A 152 -11.77 -13.90 -1.54
N GLU A 153 -11.43 -15.12 -1.15
CA GLU A 153 -12.14 -15.73 -0.03
C GLU A 153 -11.81 -15.03 1.30
N GLU A 154 -10.70 -14.30 1.37
CA GLU A 154 -10.40 -13.52 2.57
C GLU A 154 -11.43 -12.43 2.88
N PHE A 155 -12.13 -11.94 1.87
CA PHE A 155 -13.28 -11.03 2.10
C PHE A 155 -14.28 -11.65 3.07
N ASP A 156 -14.48 -12.96 2.97
CA ASP A 156 -15.41 -13.69 3.83
C ASP A 156 -15.02 -13.69 5.31
N ASN A 157 -13.74 -13.47 5.61
CA ASN A 157 -13.27 -13.43 6.98
C ASN A 157 -13.29 -12.05 7.66
N PHE A 158 -13.80 -11.04 6.95
CA PHE A 158 -13.95 -9.70 7.53
C PHE A 158 -14.95 -9.76 8.70
N LEU A 159 -14.54 -9.31 9.87
CA LEU A 159 -15.45 -9.20 11.01
C LEU A 159 -16.36 -7.96 10.86
N PRO A 160 -17.48 -7.92 11.60
CA PRO A 160 -18.34 -6.74 11.62
C PRO A 160 -17.54 -5.46 11.77
N GLY A 161 -17.83 -4.47 10.94
CA GLY A 161 -17.15 -3.17 11.03
C GLY A 161 -15.85 -3.05 10.25
N ALA A 162 -15.28 -4.19 9.83
CA ALA A 162 -14.04 -4.17 9.04
C ALA A 162 -14.34 -3.78 7.58
N VAL A 163 -13.52 -2.90 7.03
CA VAL A 163 -13.73 -2.38 5.68
C VAL A 163 -12.62 -2.73 4.68
N ILE A 164 -11.42 -3.00 5.20
CA ILE A 164 -10.23 -3.23 4.39
C ILE A 164 -9.45 -4.44 4.92
N GLY A 165 -8.94 -5.26 3.97
CA GLY A 165 -8.01 -6.34 4.28
C GLY A 165 -6.61 -5.94 3.85
N ILE A 166 -5.65 -6.07 4.75
CA ILE A 166 -4.31 -5.56 4.53
C ILE A 166 -3.30 -6.32 5.40
N ALA A 167 -2.09 -6.52 4.88
CA ALA A 167 -1.02 -7.23 5.62
C ALA A 167 -0.17 -6.25 6.40
N ARG A 168 0.47 -6.71 7.47
CA ARG A 168 1.34 -5.86 8.25
C ARG A 168 2.57 -5.45 7.48
N GLU A 169 3.15 -4.32 7.87
CA GLU A 169 4.43 -3.88 7.38
C GLU A 169 5.51 -4.72 8.07
N MET A 170 6.45 -5.23 7.28
CA MET A 170 7.46 -6.19 7.74
C MET A 170 8.84 -5.56 7.98
N GLN A 171 8.92 -4.23 7.98
CA GLN A 171 10.08 -3.50 8.49
C GLN A 171 9.65 -2.58 9.61
N PRO A 172 10.60 -2.16 10.46
CA PRO A 172 10.33 -1.21 11.54
C PRO A 172 10.17 0.25 11.12
N VAL A 173 9.67 0.51 9.93
CA VAL A 173 9.52 1.88 9.43
C VAL A 173 8.58 2.70 10.33
N TYR A 174 7.54 2.06 10.85
CA TYR A 174 6.60 2.76 11.73
C TYR A 174 7.09 2.83 13.19
N ARG A 175 7.97 1.93 13.58
CA ARG A 175 8.70 2.13 14.83
C ARG A 175 9.44 3.48 14.76
N HIS A 176 10.07 3.75 13.62
CA HIS A 176 10.81 4.99 13.40
C HIS A 176 9.89 6.23 13.31
N THR A 177 8.87 6.14 12.45
CA THR A 177 7.88 7.20 12.27
C THR A 177 7.13 7.61 13.53
N PHE A 178 6.85 6.66 14.43
CA PHE A 178 6.05 6.96 15.61
C PHE A 178 6.93 7.25 16.82
N TRP A 179 8.20 7.58 16.58
CA TRP A 179 9.17 7.71 17.67
C TRP A 179 8.67 8.61 18.79
N GLN A 180 8.21 9.80 18.43
CA GLN A 180 7.78 10.72 19.45
C GLN A 180 6.59 10.19 20.23
N PHE A 181 5.55 9.69 19.55
CA PHE A 181 4.44 9.09 20.27
C PHE A 181 4.95 7.95 21.17
N ARG A 182 5.85 7.13 20.67
CA ARG A 182 6.40 6.04 21.46
C ARG A 182 7.18 6.57 22.67
N HIS A 183 7.90 7.67 22.47
CA HIS A 183 8.65 8.34 23.54
C HIS A 183 7.74 8.85 24.66
N GLU A 184 6.61 9.45 24.27
CA GLU A 184 5.66 9.99 25.21
C GLU A 184 4.74 8.92 25.80
N ASN A 185 4.73 7.74 25.19
CA ASN A 185 3.94 6.63 25.68
C ASN A 185 4.74 5.34 25.72
N PRO A 186 5.64 5.21 26.70
CA PRO A 186 6.56 4.07 26.80
C PRO A 186 5.89 2.70 26.61
N LYS A 187 4.68 2.53 27.13
CA LYS A 187 3.99 1.24 27.14
C LYS A 187 3.21 0.93 25.87
N THR A 188 3.23 1.81 24.87
CA THR A 188 2.38 1.63 23.68
C THR A 188 2.77 0.42 22.85
N ARG A 189 1.77 -0.19 22.21
CA ARG A 189 1.99 -1.23 21.21
C ARG A 189 2.21 -0.65 19.80
N VAL A 190 1.93 0.64 19.65
CA VAL A 190 2.09 1.37 18.38
C VAL A 190 3.53 1.34 17.89
N GLY A 191 3.77 0.66 16.78
CA GLY A 191 5.09 0.60 16.19
C GLY A 191 5.90 -0.63 16.56
N ASP A 192 5.40 -1.39 17.53
CA ASP A 192 6.05 -2.63 17.95
C ASP A 192 5.83 -3.75 16.93
N PRO A 193 6.72 -4.76 16.95
CA PRO A 193 6.58 -5.91 16.07
C PRO A 193 5.43 -6.83 16.48
N PRO A 194 5.04 -7.73 15.58
CA PRO A 194 4.10 -8.79 15.93
C PRO A 194 4.82 -9.84 16.77
N PRO A 195 4.08 -10.81 17.32
CA PRO A 195 2.62 -10.97 17.22
C PRO A 195 1.77 -10.00 18.05
N GLU A 196 2.37 -9.28 18.99
CA GLU A 196 1.59 -8.47 19.95
C GLU A 196 1.59 -6.95 19.68
N GLY A 197 2.54 -6.46 18.88
CA GLY A 197 2.62 -5.03 18.60
C GLY A 197 1.79 -4.66 17.38
N LEU A 198 1.70 -3.37 17.10
CA LEU A 198 1.05 -2.89 15.88
C LEU A 198 2.14 -2.28 14.99
N PRO A 199 2.72 -3.08 14.10
CA PRO A 199 3.83 -2.58 13.30
C PRO A 199 3.41 -1.69 12.13
N GLY A 200 2.10 -1.49 11.96
CA GLY A 200 1.58 -0.75 10.82
C GLY A 200 1.32 -1.65 9.63
N PHE A 201 1.00 -1.04 8.48
CA PHE A 201 0.55 -1.79 7.32
C PHE A 201 1.41 -1.55 6.08
N ASN A 202 1.40 -2.49 5.15
CA ASN A 202 2.01 -2.32 3.83
C ASN A 202 0.91 -2.29 2.76
N SER A 203 0.99 -1.36 1.83
CA SER A 203 -0.07 -1.16 0.83
C SER A 203 0.04 -1.98 -0.48
N GLY A 204 1.01 -2.89 -0.57
CA GLY A 204 1.23 -3.67 -1.79
C GLY A 204 0.09 -4.57 -2.20
N VAL A 205 -0.72 -5.02 -1.23
CA VAL A 205 -1.86 -5.91 -1.44
C VAL A 205 -2.99 -5.46 -0.51
N MET A 206 -4.10 -4.98 -1.06
CA MET A 206 -5.20 -4.45 -0.27
C MET A 206 -6.55 -4.91 -0.78
N LEU A 207 -7.35 -5.46 0.13
CA LEU A 207 -8.72 -5.90 -0.16
C LEU A 207 -9.67 -4.79 0.25
N LEU A 208 -10.11 -4.05 -0.74
CA LEU A 208 -10.93 -2.89 -0.56
C LEU A 208 -12.38 -3.33 -0.72
N ASN A 209 -13.05 -3.48 0.40
CA ASN A 209 -14.48 -3.76 0.37
C ASN A 209 -15.23 -2.43 0.21
N LEU A 210 -15.55 -2.10 -1.03
CA LEU A 210 -16.12 -0.78 -1.38
C LEU A 210 -17.48 -0.55 -0.74
N GLU A 211 -18.28 -1.60 -0.68
CA GLU A 211 -19.56 -1.52 0.03
C GLU A 211 -19.41 -1.22 1.51
N ALA A 212 -18.55 -1.98 2.18
CA ALA A 212 -18.32 -1.80 3.59
C ALA A 212 -17.69 -0.43 3.89
N MET A 213 -16.80 0.04 3.02
CA MET A 213 -16.23 1.37 3.16
C MET A 213 -17.33 2.42 3.06
N ARG A 214 -18.16 2.30 2.03
CA ARG A 214 -19.27 3.24 1.81
C ARG A 214 -20.24 3.26 3.00
N GLN A 215 -20.50 2.08 3.53
CA GLN A 215 -21.52 1.87 4.54
C GLN A 215 -21.07 2.07 5.99
N SER A 216 -19.77 2.33 6.20
CA SER A 216 -19.21 2.55 7.53
C SER A 216 -19.21 4.01 7.94
N PRO A 217 -19.99 4.35 8.98
CA PRO A 217 -19.95 5.70 9.57
C PRO A 217 -18.58 6.07 10.13
N LEU A 218 -17.95 5.11 10.80
CA LEU A 218 -16.62 5.31 11.33
C LEU A 218 -15.64 5.66 10.18
N TYR A 219 -15.61 4.83 9.16
CA TYR A 219 -14.65 5.05 8.07
C TYR A 219 -14.89 6.43 7.42
N SER A 220 -16.14 6.79 7.20
CA SER A 220 -16.49 8.09 6.59
C SER A 220 -16.03 9.28 7.42
N HIS A 221 -16.14 9.17 8.74
CA HIS A 221 -15.68 10.22 9.64
C HIS A 221 -14.18 10.43 9.57
N LEU A 222 -13.44 9.33 9.52
CA LEU A 222 -11.98 9.42 9.53
C LEU A 222 -11.42 10.11 8.26
N LEU A 223 -12.20 10.14 7.20
CA LEU A 223 -11.85 10.84 5.96
C LEU A 223 -12.00 12.35 6.07
N GLU A 224 -12.78 12.80 7.06
CA GLU A 224 -12.98 14.24 7.27
C GLU A 224 -11.71 14.96 7.71
N PRO A 225 -11.43 16.14 7.13
CA PRO A 225 -10.23 16.94 7.43
C PRO A 225 -9.94 17.10 8.91
N SER A 226 -10.96 17.35 9.72
CA SER A 226 -10.68 17.60 11.15
C SER A 226 -10.24 16.32 11.89
N TRP A 227 -10.78 15.16 11.51
CA TRP A 227 -10.38 13.88 12.11
C TRP A 227 -8.97 13.48 11.68
N VAL A 228 -8.65 13.66 10.40
CA VAL A 228 -7.30 13.44 9.90
C VAL A 228 -6.30 14.29 10.70
N GLN A 229 -6.62 15.57 10.87
CA GLN A 229 -5.76 16.48 11.62
C GLN A 229 -5.61 16.08 13.09
N GLN A 230 -6.72 15.72 13.74
CA GLN A 230 -6.68 15.35 15.16
C GLN A 230 -5.77 14.14 15.42
N LEU A 231 -5.92 13.11 14.59
CA LEU A 231 -5.12 11.90 14.75
C LEU A 231 -3.65 12.11 14.39
N ALA A 232 -3.38 12.87 13.33
CA ALA A 232 -2.01 13.16 12.95
C ALA A 232 -1.30 13.94 14.05
N ASP A 233 -2.03 14.86 14.70
CA ASP A 233 -1.50 15.59 15.86
C ASP A 233 -1.31 14.67 17.06
N LYS A 234 -2.28 13.80 17.30
CA LYS A 234 -2.19 12.88 18.40
C LYS A 234 -0.96 12.00 18.28
N TYR A 235 -0.74 11.46 17.08
CA TYR A 235 0.36 10.54 16.85
C TYR A 235 1.66 11.22 16.43
N HIS A 236 1.66 12.55 16.33
CA HIS A 236 2.82 13.30 15.84
C HIS A 236 3.35 12.69 14.55
N PHE A 237 2.43 12.36 13.64
CA PHE A 237 2.72 11.49 12.52
C PHE A 237 2.99 12.29 11.26
N ARG A 238 4.08 11.95 10.59
CA ARG A 238 4.44 12.48 9.27
C ARG A 238 5.00 11.32 8.46
N GLY A 239 4.58 11.22 7.20
CA GLY A 239 5.08 10.19 6.30
C GLY A 239 5.16 10.69 4.86
N HIS A 240 5.59 9.81 3.98
CA HIS A 240 5.63 10.11 2.56
C HIS A 240 5.20 8.91 1.73
N LEU A 241 4.56 7.93 2.37
CA LEU A 241 4.11 6.74 1.68
C LEU A 241 2.59 6.69 1.42
N GLY A 242 1.91 7.83 1.59
CA GLY A 242 0.57 7.99 1.03
C GLY A 242 -0.50 7.17 1.74
N ASP A 243 -1.28 6.43 0.96
CA ASP A 243 -2.35 5.59 1.47
C ASP A 243 -1.87 4.66 2.60
N GLN A 244 -0.71 4.07 2.41
CA GLN A 244 -0.11 3.18 3.41
C GLN A 244 0.00 3.85 4.78
N ASP A 245 0.42 5.11 4.80
CA ASP A 245 0.57 5.85 6.06
C ASP A 245 -0.78 6.17 6.69
N PHE A 246 -1.77 6.56 5.87
CA PHE A 246 -3.11 6.89 6.40
C PHE A 246 -3.75 5.68 7.05
N PHE A 247 -3.71 4.54 6.37
CA PHE A 247 -4.29 3.33 6.90
C PHE A 247 -3.55 2.88 8.18
N THR A 248 -2.23 2.98 8.16
CA THR A 248 -1.42 2.64 9.32
C THR A 248 -1.87 3.48 10.51
N MET A 249 -2.00 4.79 10.31
CA MET A 249 -2.42 5.69 11.37
C MET A 249 -3.82 5.42 11.93
N ILE A 250 -4.83 5.35 11.05
CA ILE A 250 -6.20 5.09 11.52
C ILE A 250 -6.30 3.66 12.06
N GLY A 251 -5.41 2.78 11.58
CA GLY A 251 -5.24 1.41 12.09
C GLY A 251 -4.77 1.37 13.54
N MET A 252 -4.00 2.37 13.97
CA MET A 252 -3.61 2.51 15.37
C MET A 252 -4.81 2.88 16.26
N GLU A 253 -5.63 3.83 15.82
CA GLU A 253 -6.82 4.26 16.55
C GLU A 253 -7.92 3.23 16.50
N HIS A 254 -8.14 2.68 15.31
CA HIS A 254 -9.31 1.87 15.03
C HIS A 254 -8.93 0.61 14.31
N PRO A 255 -8.28 -0.32 15.01
CA PRO A 255 -7.90 -1.59 14.39
C PRO A 255 -9.08 -2.44 13.92
N GLU A 256 -10.27 -2.24 14.50
CA GLU A 256 -11.51 -2.91 14.06
C GLU A 256 -11.78 -2.73 12.57
N LEU A 257 -11.25 -1.67 11.98
CA LEU A 257 -11.51 -1.39 10.56
C LEU A 257 -10.82 -2.34 9.59
N PHE A 258 -9.82 -3.05 10.06
CA PHE A 258 -8.94 -3.79 9.18
C PHE A 258 -8.94 -5.27 9.52
N HIS A 259 -9.12 -6.07 8.47
CA HIS A 259 -8.84 -7.48 8.52
C HIS A 259 -7.36 -7.65 8.15
N VAL A 260 -6.56 -8.09 9.11
CA VAL A 260 -5.15 -8.32 8.86
C VAL A 260 -4.92 -9.63 8.11
N LEU A 261 -4.37 -9.51 6.90
CA LEU A 261 -4.00 -10.63 6.08
C LEU A 261 -2.74 -11.29 6.63
N ASP A 262 -2.60 -12.60 6.42
CA ASP A 262 -1.35 -13.22 6.81
C ASP A 262 -0.19 -12.71 5.95
N CYS A 263 1.00 -12.68 6.55
CA CYS A 263 2.20 -12.16 5.88
C CYS A 263 2.52 -12.87 4.58
N THR A 264 2.07 -14.12 4.42
CA THR A 264 2.31 -14.88 3.19
C THR A 264 1.57 -14.31 1.98
N TRP A 265 0.57 -13.46 2.22
CA TRP A 265 -0.15 -12.81 1.12
C TRP A 265 0.54 -11.54 0.62
N ASN A 266 1.57 -11.09 1.32
CA ASN A 266 2.35 -9.93 0.91
C ASN A 266 3.73 -10.00 1.55
N ARG A 267 4.53 -10.98 1.13
CA ARG A 267 5.86 -11.18 1.73
C ARG A 267 6.84 -10.16 1.19
N GLN A 268 7.04 -9.11 1.97
CA GLN A 268 7.88 -8.01 1.58
C GLN A 268 9.37 -8.37 1.73
N LEU A 269 10.18 -8.01 0.75
CA LEU A 269 11.60 -8.36 0.70
C LEU A 269 12.57 -7.23 1.04
N CYS A 270 12.06 -6.00 1.12
CA CYS A 270 12.87 -4.82 1.38
C CYS A 270 13.50 -4.89 2.76
N THR A 271 14.81 -4.61 2.82
CA THR A 271 15.54 -4.58 4.09
C THR A 271 16.22 -3.24 4.33
N TRP A 272 15.79 -2.19 3.64
CA TRP A 272 16.39 -0.86 3.77
C TRP A 272 16.55 -0.44 5.24
N TRP A 273 15.48 -0.59 6.02
CA TRP A 273 15.47 -0.17 7.41
C TRP A 273 16.41 -0.97 8.34
N ARG A 274 16.75 -2.20 7.96
CA ARG A 274 17.74 -3.00 8.71
C ARG A 274 19.05 -2.23 8.82
N ASP A 275 19.48 -1.65 7.71
CA ASP A 275 20.75 -0.96 7.61
C ASP A 275 20.66 0.52 7.90
N HIS A 276 19.56 0.96 8.53
CA HIS A 276 19.43 2.37 8.87
C HIS A 276 18.96 2.57 10.27
N GLY A 277 19.45 1.73 11.17
CA GLY A 277 19.30 1.96 12.59
C GLY A 277 18.54 0.89 13.33
N TYR A 278 18.12 -0.18 12.66
CA TYR A 278 17.20 -1.15 13.31
C TYR A 278 17.66 -2.61 13.25
N SER A 279 18.97 -2.82 13.08
CA SER A 279 19.56 -4.18 13.08
C SER A 279 19.05 -5.10 14.17
N ASP A 280 19.03 -4.62 15.40
CA ASP A 280 18.64 -5.43 16.54
C ASP A 280 17.24 -6.00 16.36
N VAL A 281 16.27 -5.12 16.16
CA VAL A 281 14.85 -5.50 16.17
C VAL A 281 14.34 -5.99 14.82
N PHE A 282 15.09 -5.74 13.76
CA PHE A 282 14.62 -5.94 12.39
C PHE A 282 13.97 -7.30 12.20
N GLN A 283 14.62 -8.33 12.72
CA GLN A 283 14.15 -9.70 12.59
C GLN A 283 12.73 -9.94 13.11
N ALA A 284 12.37 -9.31 14.21
CA ALA A 284 11.05 -9.50 14.80
C ALA A 284 9.93 -8.97 13.88
N TYR A 285 10.23 -7.92 13.14
CA TYR A 285 9.31 -7.37 12.15
C TYR A 285 9.27 -8.17 10.87
N PHE A 286 10.43 -8.63 10.39
CA PHE A 286 10.59 -9.19 9.05
C PHE A 286 10.24 -10.69 8.91
N ARG A 287 10.26 -11.40 10.03
CA ARG A 287 9.95 -12.82 10.08
C ARG A 287 8.58 -13.11 9.45
N CYS A 288 8.57 -13.95 8.42
CA CYS A 288 7.32 -14.47 7.90
C CYS A 288 7.53 -15.92 7.51
N GLU A 289 6.64 -16.78 7.96
CA GLU A 289 6.78 -18.20 7.66
C GLU A 289 5.46 -18.78 7.24
N GLY A 290 5.53 -19.90 6.55
CA GLY A 290 4.35 -20.47 5.92
C GLY A 290 4.60 -20.51 4.43
N HIS A 291 3.63 -21.04 3.72
CA HIS A 291 3.72 -21.17 2.27
C HIS A 291 3.44 -19.81 1.62
N VAL A 292 4.43 -19.24 0.93
CA VAL A 292 4.26 -17.91 0.35
C VAL A 292 3.32 -17.90 -0.85
N LYS A 293 2.41 -16.93 -0.85
CA LYS A 293 1.41 -16.76 -1.88
C LYS A 293 1.79 -15.62 -2.82
N ILE A 294 2.23 -14.50 -2.25
CA ILE A 294 2.74 -13.38 -3.04
C ILE A 294 4.03 -12.87 -2.43
N TYR A 295 5.08 -12.80 -3.25
CA TYR A 295 6.29 -12.06 -2.91
C TYR A 295 6.14 -10.59 -3.32
N HIS A 296 6.69 -9.69 -2.53
CA HIS A 296 6.65 -8.26 -2.81
C HIS A 296 8.08 -7.75 -2.77
N GLY A 297 8.62 -7.44 -3.95
CA GLY A 297 9.97 -6.94 -4.14
C GLY A 297 10.04 -5.43 -3.95
N ASN A 298 9.60 -4.97 -2.79
CA ASN A 298 9.58 -3.54 -2.51
C ASN A 298 10.97 -2.95 -2.37
N CYS A 299 11.02 -1.62 -2.44
CA CYS A 299 12.25 -0.84 -2.59
C CYS A 299 13.21 -1.49 -3.60
N ASN A 300 12.67 -1.78 -4.78
CA ASN A 300 13.45 -2.32 -5.88
C ASN A 300 14.27 -3.57 -5.54
N THR A 301 13.76 -4.38 -4.63
CA THR A 301 14.48 -5.57 -4.22
C THR A 301 14.22 -6.71 -5.20
N PRO A 302 15.31 -7.26 -5.80
CA PRO A 302 15.15 -8.42 -6.66
C PRO A 302 14.32 -9.47 -5.95
N ILE A 303 13.42 -10.12 -6.67
CA ILE A 303 12.63 -11.21 -6.12
C ILE A 303 13.38 -12.51 -6.46
N PRO A 304 13.58 -13.41 -5.47
CA PRO A 304 14.24 -14.69 -5.77
C PRO A 304 13.37 -15.60 -6.65
N GLU A 305 13.87 -16.79 -6.98
CA GLU A 305 13.10 -17.75 -7.77
C GLU A 305 13.38 -19.19 -7.36
N GLN B 8 9.24 10.51 -5.61
CA GLN B 8 9.29 10.15 -4.16
C GLN B 8 10.44 10.87 -3.45
N CYS B 9 10.65 10.56 -2.19
CA CYS B 9 11.78 11.12 -1.43
C CYS B 9 12.49 10.03 -0.66
N GLU B 10 13.74 10.30 -0.29
CA GLU B 10 14.47 9.36 0.55
C GLU B 10 14.01 9.53 1.99
N SER B 11 13.70 8.44 2.68
CA SER B 11 13.28 8.52 4.08
C SER B 11 14.31 9.26 4.90
N ASN B 12 13.81 10.11 5.80
CA ASN B 12 14.66 10.85 6.70
C ASN B 12 15.22 9.88 7.72
N PRO B 13 16.55 9.71 7.74
CA PRO B 13 17.13 8.79 8.73
C PRO B 13 17.02 9.33 10.16
N CYS B 14 16.81 10.63 10.29
CA CYS B 14 16.66 11.29 11.58
C CYS B 14 15.30 10.96 12.22
N LEU B 15 15.27 10.99 13.54
CA LEU B 15 14.06 10.65 14.31
C LEU B 15 13.09 11.83 14.40
N ASN B 16 13.62 13.04 14.23
CA ASN B 16 12.85 14.27 14.30
C ASN B 16 12.67 14.88 12.91
N GLY B 17 11.81 15.89 12.84
CA GLY B 17 11.54 16.57 11.58
C GLY B 17 10.66 15.79 10.64
N GLY B 18 10.64 16.21 9.38
CA GLY B 18 9.80 15.60 8.35
C GLY B 18 10.20 14.19 7.97
N SER B 19 9.38 13.56 7.13
CA SER B 19 9.58 12.19 6.72
C SER B 19 10.62 12.02 5.61
N CYS B 20 10.97 13.11 4.93
CA CYS B 20 11.99 13.11 3.88
C CYS B 20 13.30 13.68 4.42
N LYS B 21 14.42 13.11 3.99
CA LYS B 21 15.70 13.59 4.45
C LYS B 21 15.95 14.98 3.89
N ASP B 22 16.74 15.76 4.61
CA ASP B 22 16.97 17.17 4.31
C ASP B 22 15.64 17.94 4.27
N ASP B 23 14.80 17.66 5.26
CA ASP B 23 13.59 18.43 5.53
C ASP B 23 14.00 19.90 5.72
N ILE B 24 13.52 20.77 4.84
CA ILE B 24 13.87 22.21 4.87
C ILE B 24 13.57 22.87 6.22
N ASN B 25 12.55 22.40 6.92
CA ASN B 25 12.19 22.98 8.20
C ASN B 25 12.87 22.30 9.40
N SER B 26 13.91 21.49 9.13
CA SER B 26 14.69 20.79 10.17
C SER B 26 16.15 21.22 10.21
N TYR B 27 16.69 21.36 11.42
CA TYR B 27 18.09 21.70 11.61
C TYR B 27 18.84 20.59 12.34
N GLU B 28 18.33 20.16 13.49
CA GLU B 28 18.90 19.02 14.21
C GLU B 28 18.57 17.69 13.51
N CYS B 29 19.40 16.69 13.78
CA CYS B 29 19.15 15.33 13.34
C CYS B 29 19.47 14.36 14.48
N TRP B 30 18.43 13.84 15.14
CA TRP B 30 18.63 12.84 16.20
C TRP B 30 18.63 11.47 15.57
N CYS B 31 19.78 10.81 15.61
CA CYS B 31 19.96 9.55 14.92
C CYS B 31 19.51 8.38 15.78
N PRO B 32 19.00 7.31 15.15
CA PRO B 32 18.73 6.07 15.91
C PRO B 32 20.02 5.55 16.55
N PHE B 33 19.88 4.86 17.68
CA PHE B 33 21.06 4.43 18.44
C PHE B 33 22.10 3.75 17.56
N GLY B 34 23.36 4.15 17.77
CA GLY B 34 24.50 3.52 17.10
C GLY B 34 24.92 4.15 15.78
N PHE B 35 24.33 5.30 15.46
CA PHE B 35 24.61 5.99 14.20
C PHE B 35 24.87 7.47 14.46
N GLU B 36 25.71 8.07 13.61
CA GLU B 36 26.21 9.44 13.79
C GLU B 36 26.28 10.15 12.44
N GLY B 37 26.36 11.49 12.48
CA GLY B 37 26.56 12.31 11.28
C GLY B 37 25.32 13.09 10.92
N LYS B 38 25.42 13.94 9.89
CA LYS B 38 24.26 14.74 9.45
C LYS B 38 23.21 13.88 8.71
N ASN B 39 23.61 12.72 8.21
CA ASN B 39 22.68 11.75 7.61
C ASN B 39 22.70 10.39 8.34
N CYS B 40 23.13 10.40 9.60
CA CYS B 40 23.30 9.18 10.39
C CYS B 40 24.11 8.12 9.65
N GLU B 41 25.19 8.56 9.01
CA GLU B 41 25.94 7.72 8.07
C GLU B 41 26.84 6.68 8.76
N LEU B 42 27.50 7.08 9.85
CA LEU B 42 28.49 6.23 10.53
C LEU B 42 28.15 6.01 12.00
C2 BGC C . 11.26 4.41 3.18
C3 BGC C . 11.74 3.20 2.40
C4 BGC C . 12.64 3.59 1.23
C5 BGC C . 13.76 4.51 1.73
C6 BGC C . 14.75 4.95 0.64
C1 BGC C . 12.43 5.33 3.52
O2 BGC C . 10.62 4.01 4.40
O3 BGC C . 10.62 2.46 1.90
O4 BGC C . 13.16 2.40 0.61
O5 BGC C . 13.18 5.65 2.35
O6 BGC C . 14.07 5.68 -0.39
C1 XYS C . 10.79 1.06 1.96
C2 XYS C . 9.79 0.41 1.03
C3 XYS C . 8.36 0.57 1.58
C4 XYS C . 8.25 0.12 3.03
C5 XYS C . 9.31 0.82 3.88
O2 XYS C . 9.96 1.00 -0.24
O3 XYS C . 7.48 -0.24 0.82
O4 XYS C . 6.93 0.40 3.55
O5 XYS C . 10.62 0.60 3.30
MN MN D . 5.66 -2.43 -4.30
C1' UDX E . 6.44 1.99 -1.18
C2' UDX E . 5.22 2.13 -0.25
O2' UDX E . 4.93 0.85 0.36
C3' UDX E . 4.03 2.73 -1.03
O3' UDX E . 2.85 3.02 -0.25
C4' UDX E . 4.49 4.08 -1.61
O4' UDX E . 3.42 4.69 -2.35
C5' UDX E . 5.73 3.90 -2.50
O5' UDX E . 6.79 3.27 -1.76
PB UDX E . 7.20 0.09 -2.98
O1B UDX E . 8.62 0.21 -2.45
O2B UDX E . 6.50 -1.25 -3.17
O3B UDX E . 6.14 1.02 -2.20
O3A UDX E . 7.26 0.96 -4.33
PA UDX E . 6.77 0.51 -5.79
O1A UDX E . 7.95 0.69 -6.72
O2A UDX E . 6.00 -0.77 -5.77
O5D UDX E . 5.70 1.68 -6.05
C5D UDX E . 4.31 1.49 -5.75
C4D UDX E . 3.50 0.96 -6.95
O4D UDX E . 3.00 2.07 -7.69
C3D UDX E . 4.22 0.10 -7.98
O3D UDX E . 4.13 -1.30 -7.68
C2D UDX E . 3.49 0.41 -9.29
O2D UDX E . 2.29 -0.37 -9.44
C1D UDX E . 3.10 1.86 -9.10
N1 UDX E . 4.07 2.79 -9.69
C6 UDX E . 5.10 3.27 -8.99
C2 UDX E . 3.89 3.22 -11.03
O2 UDX E . 2.93 2.83 -11.73
N3 UDX E . 4.75 4.10 -11.59
C4 UDX E . 5.79 4.57 -10.87
O4 UDX E . 6.56 5.37 -11.40
C5 UDX E . 5.98 4.17 -9.56
#